data_1VRW
#
_entry.id   1VRW
#
_cell.length_a   133.280
_cell.length_b   133.280
_cell.length_c   83.828
_cell.angle_alpha   90.00
_cell.angle_beta   90.00
_cell.angle_gamma   90.00
#
_symmetry.space_group_name_H-M   'P 43 21 2'
#
loop_
_entity.id
_entity.type
_entity.pdbx_description
1 polymer 'ENOYL-ACYL CARRIER REDUCTASE'
2 non-polymer '1,4-DIHYDRONICOTINAMIDE ADENINE DINUCLEOTIDE'
#
_entity_poly.entity_id   1
_entity_poly.type   'polypeptide(L)'
_entity_poly.pdbx_seq_one_letter_code
;EDICFIAGIGDTNGYGWGIAKELSKRNVKIIFGIWPPVYNIFMKNYKNGKFDNDMIIDKDKKMNILDMLPFDASFDTAND
IDEETKNNKRYNMLQNYTIEDVANLIHQKYGKINMLVHSLANAKEVQKDLLNTSRKGYLDALSKSSYSLISLCKYFVNIM
KPQSSIISLTYHASQKVVPGYGGGMSSAKAALESDTRVLAYHLGRNYNIRINTISAGPLKSRAATAINKLNNTYENNTNQ
NKNRNSHDVHNIMNNSGEKEEKKNSASQNYTFIDYAIEYSEKYAPLRQKLLSTDIGSVASFLLSRESRAITGQTIYVDNG
LNIMFLPDDIYRNENE
;
_entity_poly.pdbx_strand_id   A,B
#
loop_
_chem_comp.id
_chem_comp.type
_chem_comp.name
_chem_comp.formula
NAI non-polymer '1,4-DIHYDRONICOTINAMIDE ADENINE DINUCLEOTIDE' 'C21 H29 N7 O14 P2'
#
# COMPACT_ATOMS: atom_id res chain seq x y z
N GLU A 1 -4.92 -8.20 22.39
CA GLU A 1 -3.44 -8.08 22.63
C GLU A 1 -2.64 -8.47 21.40
N ASP A 2 -2.09 -7.48 20.71
CA ASP A 2 -1.27 -7.73 19.53
C ASP A 2 0.19 -7.80 19.94
N ILE A 3 0.87 -8.88 19.52
CA ILE A 3 2.27 -9.07 19.82
C ILE A 3 3.02 -9.15 18.49
N CYS A 4 4.10 -8.39 18.37
CA CYS A 4 4.89 -8.42 17.16
C CYS A 4 6.35 -8.75 17.43
N PHE A 5 6.87 -9.72 16.68
CA PHE A 5 8.26 -10.11 16.80
C PHE A 5 9.00 -9.43 15.65
N ILE A 6 10.08 -8.72 15.96
CA ILE A 6 10.86 -8.03 14.94
C ILE A 6 12.24 -8.66 14.84
N ALA A 7 12.50 -9.33 13.73
CA ALA A 7 13.78 -9.98 13.51
C ALA A 7 14.72 -9.06 12.73
N GLY A 8 15.75 -8.55 13.40
CA GLY A 8 16.70 -7.68 12.74
C GLY A 8 16.80 -6.27 13.31
N ILE A 9 17.30 -6.16 14.53
CA ILE A 9 17.49 -4.87 15.18
C ILE A 9 18.81 -4.92 15.93
N GLY A 10 19.63 -3.89 15.74
CA GLY A 10 20.91 -3.84 16.42
C GLY A 10 21.19 -2.44 16.94
N ASP A 11 20.22 -1.56 16.75
CA ASP A 11 20.33 -0.18 17.19
C ASP A 11 19.07 0.58 16.84
N THR A 12 19.08 1.89 17.06
CA THR A 12 17.92 2.73 16.79
C THR A 12 17.98 3.48 15.47
N ASN A 13 19.00 3.21 14.67
CA ASN A 13 19.16 3.90 13.40
C ASN A 13 18.70 3.13 12.17
N GLY A 14 18.06 1.99 12.38
CA GLY A 14 17.60 1.21 11.26
C GLY A 14 16.10 1.24 11.09
N TYR A 15 15.59 0.46 10.14
CA TYR A 15 14.17 0.39 9.88
C TYR A 15 13.40 -0.37 10.94
N GLY A 16 14.06 -1.36 11.55
CA GLY A 16 13.41 -2.13 12.59
C GLY A 16 12.91 -1.23 13.70
N TRP A 17 13.73 -0.27 14.08
CA TRP A 17 13.36 0.66 15.14
C TRP A 17 12.20 1.55 14.72
N GLY A 18 12.25 2.07 13.49
CA GLY A 18 11.16 2.91 13.02
C GLY A 18 9.84 2.17 13.04
N ILE A 19 9.89 0.87 12.73
CA ILE A 19 8.69 0.05 12.72
C ILE A 19 8.16 -0.17 14.15
N ALA A 20 9.05 -0.50 15.07
CA ALA A 20 8.66 -0.74 16.46
C ALA A 20 8.07 0.54 17.04
N LYS A 21 8.68 1.66 16.70
CA LYS A 21 8.21 2.94 17.19
C LYS A 21 6.76 3.19 16.74
N GLU A 22 6.50 3.00 15.46
CA GLU A 22 5.15 3.21 14.94
C GLU A 22 4.12 2.21 15.45
N LEU A 23 4.52 0.97 15.65
CA LEU A 23 3.62 -0.06 16.18
C LEU A 23 3.24 0.28 17.62
N SER A 24 4.17 0.90 18.36
CA SER A 24 3.91 1.27 19.74
C SER A 24 2.79 2.31 19.81
N LYS A 25 2.75 3.22 18.84
CA LYS A 25 1.71 4.22 18.80
C LYS A 25 0.34 3.53 18.83
N ARG A 26 0.28 2.31 18.30
CA ARG A 26 -0.97 1.55 18.25
C ARG A 26 -1.10 0.51 19.35
N ASN A 27 -0.27 0.62 20.38
CA ASN A 27 -0.30 -0.28 21.53
C ASN A 27 0.05 -1.76 21.29
N VAL A 28 0.87 -2.05 20.29
CA VAL A 28 1.21 -3.46 20.08
C VAL A 28 2.47 -3.79 20.89
N LYS A 29 2.48 -4.96 21.50
CA LYS A 29 3.62 -5.41 22.29
C LYS A 29 4.74 -5.78 21.34
N ILE A 30 5.96 -5.33 21.64
CA ILE A 30 7.10 -5.60 20.79
C ILE A 30 8.13 -6.55 21.39
N ILE A 31 8.63 -7.47 20.56
CA ILE A 31 9.68 -8.40 20.99
C ILE A 31 10.80 -8.27 19.96
N PHE A 32 12.00 -7.93 20.41
CA PHE A 32 13.13 -7.79 19.50
C PHE A 32 13.96 -9.07 19.34
N GLY A 33 14.40 -9.31 18.11
CA GLY A 33 15.25 -10.45 17.83
C GLY A 33 16.60 -9.80 17.53
N ILE A 34 17.58 -10.02 18.42
CA ILE A 34 18.89 -9.41 18.26
C ILE A 34 19.96 -10.42 17.87
N TRP A 35 20.71 -10.09 16.82
CA TRP A 35 21.79 -10.91 16.32
C TRP A 35 22.83 -11.06 17.45
N PRO A 36 23.06 -12.29 17.93
CA PRO A 36 24.00 -12.60 19.01
C PRO A 36 25.27 -11.73 19.15
N PRO A 37 26.01 -11.54 18.06
CA PRO A 37 27.23 -10.70 18.12
C PRO A 37 27.04 -9.29 18.68
N VAL A 38 25.83 -8.76 18.58
CA VAL A 38 25.58 -7.41 19.07
C VAL A 38 24.58 -7.39 20.23
N TYR A 39 24.12 -8.56 20.64
CA TYR A 39 23.16 -8.65 21.73
C TYR A 39 23.62 -7.99 23.02
N ASN A 40 24.74 -8.46 23.57
CA ASN A 40 25.26 -7.91 24.81
C ASN A 40 25.50 -6.41 24.73
N ILE A 41 26.10 -5.94 23.65
CA ILE A 41 26.36 -4.52 23.52
C ILE A 41 25.05 -3.76 23.50
N PHE A 42 24.04 -4.31 22.82
CA PHE A 42 22.73 -3.66 22.74
C PHE A 42 22.10 -3.57 24.12
N MET A 43 22.24 -4.63 24.92
CA MET A 43 21.68 -4.65 26.27
C MET A 43 22.38 -3.61 27.14
N LYS A 44 23.69 -3.47 26.94
CA LYS A 44 24.48 -2.50 27.69
C LYS A 44 23.96 -1.10 27.41
N ASN A 45 23.84 -0.75 26.13
CA ASN A 45 23.34 0.57 25.74
C ASN A 45 21.93 0.79 26.25
N TYR A 46 21.11 -0.26 26.19
CA TYR A 46 19.74 -0.19 26.65
C TYR A 46 19.69 0.10 28.14
N LYS A 47 20.45 -0.70 28.90
CA LYS A 47 20.50 -0.57 30.34
C LYS A 47 21.06 0.77 30.79
N ASN A 48 22.05 1.30 30.07
CA ASN A 48 22.64 2.59 30.41
C ASN A 48 21.82 3.78 29.93
N GLY A 49 20.57 3.52 29.54
CA GLY A 49 19.69 4.58 29.08
C GLY A 49 20.06 5.30 27.80
N LYS A 50 20.93 4.71 26.99
CA LYS A 50 21.36 5.33 25.74
C LYS A 50 20.26 5.39 24.69
N PHE A 51 19.17 4.67 24.89
CA PHE A 51 18.06 4.66 23.93
C PHE A 51 16.82 5.36 24.45
N ASP A 52 16.87 5.80 25.71
CA ASP A 52 15.74 6.45 26.34
C ASP A 52 15.00 7.49 25.51
N ASN A 53 15.70 8.48 24.98
CA ASN A 53 15.04 9.51 24.17
C ASN A 53 14.40 8.90 22.93
N ASP A 54 15.04 7.87 22.38
CA ASP A 54 14.55 7.21 21.18
C ASP A 54 13.29 6.37 21.45
N MET A 55 12.98 6.14 22.72
CA MET A 55 11.81 5.35 23.06
C MET A 55 10.56 6.17 23.38
N ILE A 56 10.71 7.48 23.50
CA ILE A 56 9.55 8.32 23.79
C ILE A 56 8.68 8.46 22.54
N ILE A 57 7.41 8.11 22.67
CA ILE A 57 6.48 8.17 21.56
C ILE A 57 5.80 9.53 21.49
N ASP A 58 5.55 9.98 20.26
CA ASP A 58 4.90 11.27 20.01
C ASP A 58 3.81 11.56 21.03
N LYS A 59 2.85 10.64 21.15
CA LYS A 59 1.75 10.78 22.07
C LYS A 59 2.19 10.82 23.54
N ASP A 60 3.43 11.26 23.76
CA ASP A 60 3.95 11.36 25.11
C ASP A 60 3.78 10.04 25.87
N LYS A 61 4.50 9.02 25.41
CA LYS A 61 4.46 7.69 26.03
C LYS A 61 5.81 7.02 25.84
N LYS A 62 6.01 5.91 26.52
CA LYS A 62 7.25 5.17 26.44
C LYS A 62 7.01 3.94 25.56
N MET A 63 7.97 3.62 24.71
CA MET A 63 7.85 2.45 23.85
C MET A 63 7.85 1.24 24.77
N ASN A 64 6.91 0.31 24.57
CA ASN A 64 6.84 -0.86 25.43
C ASN A 64 7.42 -2.12 24.82
N ILE A 65 8.67 -2.41 25.18
CA ILE A 65 9.36 -3.58 24.70
C ILE A 65 9.09 -4.75 25.63
N LEU A 66 8.33 -5.72 25.14
CA LEU A 66 7.98 -6.90 25.91
C LEU A 66 9.22 -7.73 26.27
N ASP A 67 10.11 -7.93 25.30
CA ASP A 67 11.32 -8.71 25.54
C ASP A 67 12.35 -8.47 24.44
N MET A 68 13.57 -8.93 24.69
CA MET A 68 14.68 -8.79 23.75
C MET A 68 15.46 -10.09 23.80
N LEU A 69 15.40 -10.85 22.71
CA LEU A 69 16.04 -12.15 22.65
C LEU A 69 17.12 -12.32 21.61
N PRO A 70 18.19 -13.07 21.95
CA PRO A 70 19.27 -13.30 21.00
C PRO A 70 18.64 -14.12 19.86
N PHE A 71 18.97 -13.78 18.63
CA PHE A 71 18.36 -14.46 17.49
C PHE A 71 19.26 -14.45 16.26
N ASP A 72 19.49 -15.63 15.70
CA ASP A 72 20.33 -15.74 14.51
C ASP A 72 19.57 -16.42 13.38
N ALA A 73 19.26 -15.65 12.34
CA ALA A 73 18.50 -16.13 11.19
C ALA A 73 19.18 -17.18 10.34
N SER A 74 20.46 -17.43 10.57
CA SER A 74 21.18 -18.42 9.77
C SER A 74 21.06 -19.84 10.32
N PHE A 75 20.41 -20.00 11.47
CA PHE A 75 20.24 -21.31 12.10
C PHE A 75 18.76 -21.65 12.25
N ASP A 76 18.33 -22.72 11.59
CA ASP A 76 16.93 -23.13 11.67
C ASP A 76 16.62 -23.83 12.98
N THR A 77 17.43 -24.82 13.34
CA THR A 77 17.21 -25.57 14.57
C THR A 77 18.50 -25.75 15.36
N ALA A 78 18.37 -26.33 16.55
CA ALA A 78 19.51 -26.56 17.43
C ALA A 78 20.63 -27.37 16.80
N ASN A 79 20.30 -28.42 16.07
CA ASN A 79 21.37 -29.22 15.46
C ASN A 79 21.96 -28.65 14.17
N ASP A 80 21.74 -27.35 13.94
CA ASP A 80 22.29 -26.69 12.75
C ASP A 80 23.52 -25.89 13.17
N ILE A 81 23.64 -25.64 14.47
CA ILE A 81 24.75 -24.88 15.00
C ILE A 81 26.09 -25.61 14.82
N ASP A 82 27.01 -24.99 14.08
CA ASP A 82 28.32 -25.58 13.82
C ASP A 82 29.33 -25.33 14.95
N GLU A 83 30.45 -26.05 14.88
CA GLU A 83 31.52 -25.95 15.87
C GLU A 83 32.08 -24.55 16.07
N GLU A 84 32.55 -23.94 15.00
CA GLU A 84 33.13 -22.61 15.04
C GLU A 84 32.27 -21.59 15.77
N THR A 85 30.95 -21.66 15.58
CA THR A 85 30.04 -20.72 16.24
C THR A 85 29.71 -21.21 17.65
N LYS A 86 29.61 -22.53 17.79
CA LYS A 86 29.30 -23.14 19.07
C LYS A 86 30.42 -22.89 20.08
N ASN A 87 31.51 -22.29 19.62
CA ASN A 87 32.64 -22.00 20.48
C ASN A 87 32.94 -20.51 20.48
N ASN A 88 32.27 -19.77 19.62
CA ASN A 88 32.47 -18.33 19.52
C ASN A 88 32.19 -17.64 20.85
N LYS A 89 33.10 -16.75 21.24
CA LYS A 89 32.99 -16.01 22.48
C LYS A 89 31.60 -15.37 22.67
N ARG A 90 31.08 -14.78 21.61
CA ARG A 90 29.78 -14.10 21.67
C ARG A 90 28.58 -15.04 21.75
N TYR A 91 28.77 -16.30 21.36
CA TYR A 91 27.67 -17.27 21.40
C TYR A 91 27.69 -18.18 22.62
N ASN A 92 28.86 -18.31 23.23
CA ASN A 92 29.02 -19.15 24.42
C ASN A 92 27.97 -18.95 25.50
N MET A 93 27.89 -17.73 26.01
CA MET A 93 26.95 -17.41 27.08
C MET A 93 25.51 -17.20 26.61
N LEU A 94 25.15 -17.77 25.46
CA LEU A 94 23.80 -17.64 24.93
C LEU A 94 23.24 -18.99 24.51
N GLN A 95 21.92 -19.12 24.59
CA GLN A 95 21.23 -20.35 24.23
C GLN A 95 19.83 -20.02 23.68
N ASN A 96 19.28 -20.94 22.89
CA ASN A 96 17.96 -20.77 22.30
C ASN A 96 17.87 -19.62 21.29
N TYR A 97 18.91 -19.45 20.48
CA TYR A 97 18.90 -18.38 19.49
C TYR A 97 18.64 -18.81 18.05
N THR A 98 18.19 -20.05 17.85
CA THR A 98 17.89 -20.50 16.51
C THR A 98 16.42 -20.16 16.26
N ILE A 99 16.03 -20.09 14.99
CA ILE A 99 14.66 -19.75 14.62
C ILE A 99 13.61 -20.58 15.35
N GLU A 100 13.74 -21.91 15.30
CA GLU A 100 12.75 -22.74 15.98
C GLU A 100 12.79 -22.52 17.50
N ASP A 101 13.98 -22.31 18.04
CA ASP A 101 14.11 -22.09 19.48
C ASP A 101 13.46 -20.79 19.93
N VAL A 102 13.64 -19.71 19.18
CA VAL A 102 13.04 -18.45 19.59
C VAL A 102 11.51 -18.54 19.47
N ALA A 103 11.04 -19.27 18.47
CA ALA A 103 9.60 -19.44 18.28
C ALA A 103 9.01 -20.18 19.47
N ASN A 104 9.69 -21.23 19.93
CA ASN A 104 9.24 -22.00 21.09
C ASN A 104 9.32 -21.15 22.35
N LEU A 105 10.41 -20.38 22.45
CA LEU A 105 10.65 -19.50 23.58
C LEU A 105 9.52 -18.48 23.72
N ILE A 106 9.22 -17.78 22.62
CA ILE A 106 8.16 -16.77 22.62
C ILE A 106 6.80 -17.40 22.94
N HIS A 107 6.51 -18.53 22.32
CA HIS A 107 5.24 -19.20 22.54
C HIS A 107 5.09 -19.60 24.00
N GLN A 108 6.17 -20.09 24.60
CA GLN A 108 6.15 -20.53 25.99
C GLN A 108 5.94 -19.38 26.97
N LYS A 109 6.57 -18.24 26.72
CA LYS A 109 6.46 -17.09 27.61
C LYS A 109 5.26 -16.17 27.40
N TYR A 110 4.89 -15.94 26.15
CA TYR A 110 3.79 -15.01 25.87
C TYR A 110 2.60 -15.51 25.07
N GLY A 111 2.62 -16.79 24.70
CA GLY A 111 1.50 -17.30 23.92
C GLY A 111 1.69 -17.04 22.44
N LYS A 112 0.59 -17.01 21.70
CA LYS A 112 0.68 -16.80 20.26
C LYS A 112 0.75 -15.33 19.88
N ILE A 113 1.41 -15.04 18.76
CA ILE A 113 1.54 -13.68 18.29
C ILE A 113 0.73 -13.51 17.01
N ASN A 114 0.67 -12.29 16.48
CA ASN A 114 -0.09 -12.06 15.27
C ASN A 114 0.56 -11.08 14.31
N MET A 115 1.82 -10.73 14.60
CA MET A 115 2.57 -9.81 13.76
C MET A 115 4.02 -10.23 13.70
N LEU A 116 4.53 -10.39 12.48
CA LEU A 116 5.91 -10.81 12.30
C LEU A 116 6.62 -9.88 11.33
N VAL A 117 7.82 -9.45 11.70
CA VAL A 117 8.60 -8.55 10.86
C VAL A 117 10.01 -9.06 10.57
N HIS A 118 10.28 -9.25 9.28
CA HIS A 118 11.59 -9.70 8.83
C HIS A 118 12.30 -8.43 8.38
N SER A 119 13.28 -7.98 9.18
CA SER A 119 13.98 -6.75 8.89
C SER A 119 15.49 -6.94 8.96
N LEU A 120 15.99 -7.98 8.30
CA LEU A 120 17.41 -8.25 8.33
C LEU A 120 18.00 -8.59 6.98
N ALA A 121 19.27 -8.22 6.80
CA ALA A 121 20.00 -8.47 5.57
C ALA A 121 21.47 -8.67 5.91
N ASN A 122 22.17 -9.45 5.11
CA ASN A 122 23.59 -9.69 5.35
C ASN A 122 24.23 -10.39 4.17
N ALA A 123 25.35 -9.86 3.72
CA ALA A 123 26.10 -10.42 2.60
C ALA A 123 27.58 -10.17 2.83
N LYS A 124 28.36 -11.24 2.87
CA LYS A 124 29.81 -11.14 3.10
C LYS A 124 30.57 -10.29 2.08
N GLU A 125 30.17 -10.38 0.81
CA GLU A 125 30.87 -9.65 -0.23
C GLU A 125 30.09 -8.50 -0.84
N VAL A 126 29.25 -7.86 -0.03
CA VAL A 126 28.44 -6.74 -0.49
C VAL A 126 29.29 -5.66 -1.17
N GLN A 127 30.57 -5.64 -0.86
CA GLN A 127 31.48 -4.66 -1.43
C GLN A 127 31.94 -4.98 -2.85
N LYS A 128 31.87 -6.24 -3.24
CA LYS A 128 32.26 -6.65 -4.59
C LYS A 128 31.04 -6.58 -5.51
N ASP A 129 31.27 -6.41 -6.80
CA ASP A 129 30.17 -6.37 -7.76
C ASP A 129 29.77 -7.82 -8.06
N LEU A 130 28.58 -8.00 -8.61
CA LEU A 130 28.05 -9.34 -8.91
C LEU A 130 29.01 -10.29 -9.61
N LEU A 131 29.65 -9.80 -10.67
CA LEU A 131 30.58 -10.62 -11.45
C LEU A 131 31.75 -11.17 -10.64
N ASN A 132 32.17 -10.42 -9.62
CA ASN A 132 33.31 -10.84 -8.80
C ASN A 132 32.90 -11.41 -7.46
N THR A 133 31.63 -11.78 -7.32
CA THR A 133 31.16 -12.35 -6.08
C THR A 133 31.36 -13.86 -6.17
N SER A 134 31.90 -14.45 -5.11
CA SER A 134 32.16 -15.89 -5.08
C SER A 134 30.85 -16.67 -4.84
N ARG A 135 30.88 -17.97 -5.11
CA ARG A 135 29.72 -18.81 -4.92
C ARG A 135 29.33 -18.82 -3.44
N LYS A 136 30.34 -18.93 -2.59
CA LYS A 136 30.14 -18.97 -1.16
C LYS A 136 29.49 -17.66 -0.65
N GLY A 137 29.99 -16.53 -1.13
CA GLY A 137 29.45 -15.26 -0.71
C GLY A 137 28.03 -15.06 -1.23
N TYR A 138 27.79 -15.50 -2.46
CA TYR A 138 26.48 -15.39 -3.07
C TYR A 138 25.46 -16.19 -2.25
N LEU A 139 25.76 -17.46 -1.99
CA LEU A 139 24.87 -18.32 -1.21
C LEU A 139 24.69 -17.79 0.22
N ASP A 140 25.73 -17.17 0.74
CA ASP A 140 25.65 -16.61 2.09
C ASP A 140 24.60 -15.49 2.13
N ALA A 141 24.65 -14.60 1.13
CA ALA A 141 23.69 -13.50 1.05
C ALA A 141 22.24 -14.03 0.95
N LEU A 142 22.05 -15.06 0.14
CA LEU A 142 20.73 -15.63 -0.03
C LEU A 142 20.23 -16.37 1.21
N SER A 143 21.13 -17.09 1.88
CA SER A 143 20.77 -17.84 3.07
C SER A 143 20.30 -16.91 4.17
N LYS A 144 21.12 -15.90 4.47
CA LYS A 144 20.78 -14.93 5.50
C LYS A 144 19.68 -13.93 5.16
N SER A 145 19.71 -13.40 3.94
CA SER A 145 18.74 -12.39 3.54
C SER A 145 17.45 -12.87 2.87
N SER A 146 17.47 -14.07 2.29
CA SER A 146 16.30 -14.58 1.61
C SER A 146 15.65 -15.80 2.27
N TYR A 147 16.42 -16.88 2.40
CA TYR A 147 15.87 -18.09 3.00
C TYR A 147 15.37 -17.86 4.42
N SER A 148 16.01 -16.94 5.14
CA SER A 148 15.62 -16.65 6.51
C SER A 148 14.13 -16.33 6.64
N LEU A 149 13.56 -15.69 5.61
CA LEU A 149 12.14 -15.34 5.62
C LEU A 149 11.27 -16.59 5.56
N ILE A 150 11.62 -17.50 4.65
CA ILE A 150 10.89 -18.73 4.48
C ILE A 150 10.91 -19.55 5.78
N SER A 151 12.09 -19.68 6.37
CA SER A 151 12.25 -20.43 7.60
C SER A 151 11.47 -19.78 8.74
N LEU A 152 11.50 -18.45 8.81
CA LEU A 152 10.77 -17.74 9.84
C LEU A 152 9.28 -18.07 9.75
N CYS A 153 8.75 -18.10 8.54
CA CYS A 153 7.35 -18.40 8.32
C CYS A 153 7.03 -19.84 8.69
N LYS A 154 7.90 -20.75 8.26
CA LYS A 154 7.71 -22.16 8.54
C LYS A 154 7.60 -22.46 10.04
N TYR A 155 8.45 -21.85 10.85
CA TYR A 155 8.42 -22.09 12.28
C TYR A 155 7.47 -21.21 13.09
N PHE A 156 7.31 -19.96 12.71
CA PHE A 156 6.44 -19.08 13.46
C PHE A 156 4.95 -19.22 13.18
N VAL A 157 4.60 -19.84 12.06
CA VAL A 157 3.20 -20.00 11.71
C VAL A 157 2.51 -20.88 12.76
N ASN A 158 3.29 -21.69 13.46
CA ASN A 158 2.77 -22.58 14.50
C ASN A 158 2.35 -21.81 15.75
N ILE A 159 2.97 -20.65 15.97
CA ILE A 159 2.66 -19.84 17.14
C ILE A 159 1.91 -18.57 16.77
N MET A 160 1.33 -18.54 15.57
CA MET A 160 0.58 -17.37 15.13
C MET A 160 -0.91 -17.63 15.04
N LYS A 161 -1.70 -16.58 15.25
CA LYS A 161 -3.15 -16.69 15.18
C LYS A 161 -3.63 -16.49 13.75
N PRO A 162 -4.83 -16.99 13.43
CA PRO A 162 -5.33 -16.82 12.05
C PRO A 162 -5.42 -15.33 11.75
N GLN A 163 -5.34 -14.97 10.48
CA GLN A 163 -5.43 -13.58 10.07
C GLN A 163 -4.28 -12.72 10.58
N SER A 164 -3.17 -13.33 10.98
CA SER A 164 -2.04 -12.56 11.44
C SER A 164 -1.32 -12.04 10.19
N SER A 165 -0.35 -11.15 10.37
CA SER A 165 0.32 -10.57 9.22
C SER A 165 1.85 -10.53 9.31
N ILE A 166 2.49 -10.68 8.15
CA ILE A 166 3.94 -10.71 8.04
C ILE A 166 4.45 -9.72 6.97
N ILE A 167 5.58 -9.07 7.26
CA ILE A 167 6.18 -8.17 6.28
C ILE A 167 7.69 -8.28 6.31
N SER A 168 8.33 -7.85 5.23
CA SER A 168 9.78 -7.86 5.16
C SER A 168 10.15 -6.60 4.40
N LEU A 169 11.45 -6.28 4.36
CA LEU A 169 11.92 -5.09 3.66
C LEU A 169 12.75 -5.47 2.43
N THR A 170 12.54 -4.77 1.33
CA THR A 170 13.28 -5.04 0.11
C THR A 170 13.73 -3.71 -0.50
N TYR A 171 14.53 -3.79 -1.57
CA TYR A 171 15.04 -2.59 -2.22
C TYR A 171 14.96 -2.77 -3.74
N HIS A 172 14.61 -1.70 -4.43
CA HIS A 172 14.43 -1.65 -5.89
C HIS A 172 15.60 -2.20 -6.72
N ALA A 173 16.77 -2.40 -6.10
CA ALA A 173 17.94 -2.93 -6.81
C ALA A 173 17.63 -4.30 -7.42
N SER A 174 16.58 -4.94 -6.89
CA SER A 174 16.16 -6.25 -7.37
C SER A 174 15.52 -6.15 -8.76
N GLN A 175 14.87 -5.00 -9.02
CA GLN A 175 14.17 -4.76 -10.27
C GLN A 175 14.95 -3.94 -11.29
N LYS A 176 15.78 -3.02 -10.81
CA LYS A 176 16.59 -2.16 -11.67
C LYS A 176 18.01 -2.18 -11.14
N VAL A 177 18.97 -2.03 -12.04
CA VAL A 177 20.36 -2.09 -11.64
C VAL A 177 20.88 -0.80 -11.00
N VAL A 178 21.42 -0.95 -9.80
CA VAL A 178 22.01 0.18 -9.11
C VAL A 178 23.44 -0.27 -8.82
N PRO A 179 24.42 0.38 -9.46
CA PRO A 179 25.83 0.02 -9.24
C PRO A 179 26.21 0.34 -7.80
N GLY A 180 26.76 -0.65 -7.11
CA GLY A 180 27.16 -0.46 -5.73
C GLY A 180 26.53 -1.48 -4.81
N TYR A 181 25.32 -1.92 -5.17
CA TYR A 181 24.59 -2.91 -4.39
C TYR A 181 25.03 -4.30 -4.84
N GLY A 182 26.22 -4.73 -4.42
CA GLY A 182 26.73 -6.03 -4.85
C GLY A 182 26.64 -7.19 -3.87
N GLY A 183 27.53 -8.16 -4.05
CA GLY A 183 27.59 -9.33 -3.17
C GLY A 183 26.44 -10.31 -3.25
N GLY A 184 25.54 -10.11 -4.21
CA GLY A 184 24.40 -11.00 -4.33
C GLY A 184 23.21 -10.43 -3.58
N MET A 185 23.36 -9.22 -3.06
CA MET A 185 22.26 -8.57 -2.34
C MET A 185 21.08 -8.28 -3.26
N SER A 186 21.38 -7.86 -4.49
CA SER A 186 20.33 -7.58 -5.45
C SER A 186 19.62 -8.88 -5.80
N SER A 187 20.40 -9.96 -5.85
CA SER A 187 19.86 -11.28 -6.15
C SER A 187 18.94 -11.74 -5.00
N ALA A 188 19.41 -11.56 -3.78
CA ALA A 188 18.66 -11.97 -2.60
C ALA A 188 17.33 -11.24 -2.52
N LYS A 189 17.33 -9.95 -2.83
CA LYS A 189 16.10 -9.17 -2.81
C LYS A 189 15.14 -9.63 -3.89
N ALA A 190 15.69 -10.03 -5.04
CA ALA A 190 14.85 -10.52 -6.14
C ALA A 190 14.15 -11.79 -5.68
N ALA A 191 14.87 -12.66 -4.97
CA ALA A 191 14.27 -13.91 -4.49
C ALA A 191 13.22 -13.61 -3.43
N LEU A 192 13.54 -12.67 -2.53
CA LEU A 192 12.66 -12.28 -1.45
C LEU A 192 11.30 -11.83 -1.98
N GLU A 193 11.32 -10.96 -2.97
CA GLU A 193 10.09 -10.45 -3.57
C GLU A 193 9.29 -11.56 -4.25
N SER A 194 9.98 -12.45 -4.95
CA SER A 194 9.31 -13.56 -5.63
C SER A 194 8.74 -14.53 -4.59
N ASP A 195 9.57 -14.86 -3.60
CA ASP A 195 9.16 -15.76 -2.53
C ASP A 195 7.96 -15.23 -1.77
N THR A 196 7.89 -13.90 -1.63
CA THR A 196 6.78 -13.27 -0.94
C THR A 196 5.46 -13.61 -1.64
N ARG A 197 5.50 -13.65 -2.96
CA ARG A 197 4.30 -13.98 -3.73
C ARG A 197 3.89 -15.42 -3.48
N VAL A 198 4.84 -16.34 -3.64
CA VAL A 198 4.56 -17.76 -3.43
C VAL A 198 4.13 -18.04 -1.99
N LEU A 199 4.79 -17.40 -1.04
CA LEU A 199 4.42 -17.59 0.36
C LEU A 199 3.00 -17.09 0.60
N ALA A 200 2.64 -15.99 -0.05
CA ALA A 200 1.31 -15.41 0.11
C ALA A 200 0.25 -16.46 -0.27
N TYR A 201 0.53 -17.19 -1.34
CA TYR A 201 -0.38 -18.23 -1.79
C TYR A 201 -0.53 -19.35 -0.75
N HIS A 202 0.59 -19.94 -0.31
CA HIS A 202 0.57 -21.01 0.67
C HIS A 202 0.03 -20.58 2.03
N LEU A 203 0.55 -19.47 2.56
CA LEU A 203 0.11 -18.96 3.84
C LEU A 203 -1.34 -18.50 3.79
N GLY A 204 -1.73 -17.89 2.67
CA GLY A 204 -3.09 -17.43 2.54
C GLY A 204 -4.09 -18.56 2.44
N ARG A 205 -3.77 -19.55 1.61
CA ARG A 205 -4.65 -20.69 1.41
C ARG A 205 -4.75 -21.62 2.62
N ASN A 206 -3.62 -21.91 3.24
CA ASN A 206 -3.61 -22.83 4.37
C ASN A 206 -3.81 -22.27 5.77
N TYR A 207 -3.50 -21.00 5.99
CA TYR A 207 -3.65 -20.44 7.33
C TYR A 207 -4.36 -19.11 7.39
N ASN A 208 -4.68 -18.54 6.23
CA ASN A 208 -5.35 -17.25 6.21
C ASN A 208 -4.41 -16.17 6.74
N ILE A 209 -3.12 -16.31 6.47
CA ILE A 209 -2.16 -15.33 6.92
C ILE A 209 -1.65 -14.55 5.72
N ARG A 210 -1.49 -13.25 5.90
CA ARG A 210 -1.01 -12.40 4.83
C ARG A 210 0.48 -12.12 4.95
N ILE A 211 1.10 -11.83 3.82
CA ILE A 211 2.52 -11.51 3.80
C ILE A 211 2.79 -10.57 2.64
N ASN A 212 3.45 -9.45 2.96
CA ASN A 212 3.79 -8.44 1.97
C ASN A 212 5.23 -7.98 2.21
N THR A 213 5.78 -7.24 1.27
CA THR A 213 7.11 -6.74 1.43
C THR A 213 7.10 -5.26 1.09
N ILE A 214 7.87 -4.49 1.85
CA ILE A 214 7.98 -3.06 1.65
C ILE A 214 9.29 -2.71 0.97
N SER A 215 9.19 -2.04 -0.17
CA SER A 215 10.39 -1.63 -0.88
C SER A 215 10.67 -0.21 -0.43
N ALA A 216 11.64 -0.06 0.46
CA ALA A 216 11.99 1.24 1.00
C ALA A 216 13.03 2.01 0.23
N GLY A 217 13.08 3.31 0.50
CA GLY A 217 14.06 4.19 -0.11
C GLY A 217 15.31 4.16 0.76
N PRO A 218 16.35 4.92 0.43
CA PRO A 218 17.61 4.96 1.18
C PRO A 218 17.49 5.45 2.62
N LEU A 219 18.21 4.79 3.51
CA LEU A 219 18.23 5.15 4.92
C LEU A 219 19.66 4.92 5.41
N LYS A 220 20.27 5.95 5.98
CA LYS A 220 21.63 5.84 6.47
C LYS A 220 21.65 5.06 7.79
N SER A 221 21.67 3.74 7.67
CA SER A 221 21.70 2.86 8.83
C SER A 221 23.03 2.10 8.80
N ARG A 222 23.24 1.24 9.79
CA ARG A 222 24.48 0.47 9.86
C ARG A 222 24.66 -0.42 8.64
N ALA A 223 23.67 -1.26 8.34
CA ALA A 223 23.75 -2.16 7.20
C ALA A 223 24.06 -1.40 5.90
N ALA A 224 23.40 -0.26 5.70
CA ALA A 224 23.59 0.55 4.52
C ALA A 224 25.00 1.16 4.46
N THR A 225 25.40 1.79 5.55
CA THR A 225 26.70 2.42 5.65
C THR A 225 27.82 1.45 5.30
N ALA A 226 27.56 0.17 5.50
CA ALA A 226 28.55 -0.86 5.22
C ALA A 226 28.48 -1.43 3.80
N ILE A 227 27.98 -0.63 2.86
CA ILE A 227 27.90 -1.06 1.46
C ILE A 227 28.94 -0.33 0.62
N ASN A 228 29.43 0.78 1.16
CA ASN A 228 30.45 1.63 0.53
C ASN A 228 30.84 1.28 -0.92
N LYS A 229 30.44 2.15 -1.85
CA LYS A 229 30.74 1.98 -3.27
C LYS A 229 30.20 3.16 -4.07
N TYR A 270 31.92 9.02 -1.28
CA TYR A 270 31.43 9.05 0.12
C TYR A 270 30.37 7.98 0.39
N THR A 271 30.70 6.74 0.04
CA THR A 271 29.83 5.57 0.23
C THR A 271 28.53 5.58 -0.58
N PHE A 272 28.10 4.38 -0.93
CA PHE A 272 26.88 4.14 -1.70
C PHE A 272 25.62 4.77 -1.11
N ILE A 273 25.43 4.65 0.19
CA ILE A 273 24.24 5.19 0.84
C ILE A 273 24.14 6.70 0.79
N ASP A 274 25.26 7.41 0.89
CA ASP A 274 25.23 8.86 0.84
C ASP A 274 24.80 9.35 -0.56
N TYR A 275 25.18 8.60 -1.58
CA TYR A 275 24.83 8.96 -2.95
C TYR A 275 23.34 8.74 -3.23
N ALA A 276 22.82 7.59 -2.81
CA ALA A 276 21.41 7.25 -3.02
C ALA A 276 20.51 8.26 -2.32
N ILE A 277 20.87 8.61 -1.09
CA ILE A 277 20.08 9.57 -0.32
C ILE A 277 20.05 10.93 -1.00
N GLU A 278 21.21 11.42 -1.40
CA GLU A 278 21.29 12.71 -2.07
C GLU A 278 20.47 12.68 -3.35
N TYR A 279 20.62 11.60 -4.11
CA TYR A 279 19.91 11.46 -5.37
C TYR A 279 18.40 11.43 -5.13
N SER A 280 17.98 10.63 -4.15
CA SER A 280 16.56 10.53 -3.83
C SER A 280 15.97 11.88 -3.41
N GLU A 281 16.74 12.66 -2.66
CA GLU A 281 16.26 13.94 -2.19
C GLU A 281 16.23 15.01 -3.26
N LYS A 282 16.97 14.81 -4.34
CA LYS A 282 16.97 15.77 -5.44
C LYS A 282 15.97 15.45 -6.55
N TYR A 283 15.85 14.18 -6.92
CA TYR A 283 14.98 13.79 -8.02
C TYR A 283 13.64 13.11 -7.71
N ALA A 284 13.43 12.67 -6.49
CA ALA A 284 12.15 12.02 -6.17
C ALA A 284 11.00 13.01 -6.32
N PRO A 285 9.81 12.51 -6.70
CA PRO A 285 8.60 13.34 -6.87
C PRO A 285 8.36 14.19 -5.64
N LEU A 286 8.58 13.58 -4.48
CA LEU A 286 8.40 14.25 -3.20
C LEU A 286 9.77 14.59 -2.62
N ARG A 287 10.06 15.88 -2.53
CA ARG A 287 11.34 16.34 -2.00
C ARG A 287 11.25 16.53 -0.50
N GLN A 288 11.48 15.46 0.24
CA GLN A 288 11.43 15.49 1.70
C GLN A 288 12.30 14.34 2.21
N LYS A 289 12.81 14.46 3.43
CA LYS A 289 13.64 13.40 3.99
C LYS A 289 12.80 12.18 4.34
N LEU A 290 13.29 11.01 3.93
CA LEU A 290 12.61 9.76 4.19
C LEU A 290 13.03 9.29 5.58
N LEU A 291 12.06 9.16 6.48
CA LEU A 291 12.36 8.73 7.85
C LEU A 291 12.03 7.26 8.06
N SER A 292 12.65 6.64 9.06
CA SER A 292 12.40 5.23 9.36
C SER A 292 10.95 5.05 9.80
N THR A 293 10.37 6.12 10.35
CA THR A 293 8.97 6.05 10.78
C THR A 293 8.02 6.14 9.58
N ASP A 294 8.53 6.60 8.44
CA ASP A 294 7.69 6.67 7.24
C ASP A 294 7.47 5.23 6.80
N ILE A 295 8.48 4.38 6.95
CA ILE A 295 8.32 2.98 6.60
C ILE A 295 7.57 2.29 7.74
N GLY A 296 7.77 2.83 8.96
CA GLY A 296 7.11 2.28 10.13
C GLY A 296 5.59 2.39 10.10
N SER A 297 5.08 3.55 9.73
CA SER A 297 3.63 3.75 9.69
C SER A 297 3.01 2.91 8.58
N VAL A 298 3.72 2.74 7.47
CA VAL A 298 3.19 1.92 6.38
C VAL A 298 3.20 0.46 6.82
N ALA A 299 4.26 0.06 7.52
CA ALA A 299 4.39 -1.31 8.01
C ALA A 299 3.25 -1.57 8.99
N SER A 300 3.01 -0.60 9.86
CA SER A 300 1.95 -0.68 10.85
C SER A 300 0.61 -0.97 10.20
N PHE A 301 0.33 -0.25 9.10
CA PHE A 301 -0.93 -0.44 8.39
C PHE A 301 -1.02 -1.85 7.77
N LEU A 302 0.05 -2.31 7.14
CA LEU A 302 0.07 -3.63 6.51
C LEU A 302 -0.04 -4.76 7.53
N LEU A 303 0.43 -4.50 8.75
CA LEU A 303 0.39 -5.49 9.81
C LEU A 303 -0.98 -5.55 10.48
N SER A 304 -1.80 -4.53 10.28
CA SER A 304 -3.12 -4.48 10.89
C SER A 304 -4.19 -5.07 10.00
N ARG A 305 -5.40 -5.19 10.53
CA ARG A 305 -6.52 -5.75 9.79
C ARG A 305 -7.12 -4.76 8.80
N GLU A 306 -6.64 -3.53 8.81
CA GLU A 306 -7.13 -2.51 7.90
C GLU A 306 -6.79 -2.90 6.47
N SER A 307 -5.81 -3.78 6.32
CA SER A 307 -5.37 -4.21 5.00
C SER A 307 -5.66 -5.68 4.70
N ARG A 308 -6.74 -6.20 5.29
CA ARG A 308 -7.14 -7.60 5.11
C ARG A 308 -7.14 -8.10 3.66
N ALA A 309 -7.29 -7.19 2.69
CA ALA A 309 -7.35 -7.59 1.28
C ALA A 309 -6.03 -7.48 0.51
N ILE A 310 -4.96 -7.06 1.18
CA ILE A 310 -3.67 -6.93 0.50
C ILE A 310 -2.72 -8.06 0.88
N THR A 311 -2.19 -8.75 -0.12
CA THR A 311 -1.26 -9.84 0.15
C THR A 311 -0.36 -10.18 -1.03
N GLY A 312 0.85 -10.63 -0.72
CA GLY A 312 1.80 -10.97 -1.76
C GLY A 312 2.26 -9.77 -2.57
N GLN A 313 2.16 -8.59 -1.99
CA GLN A 313 2.55 -7.38 -2.69
C GLN A 313 3.88 -6.76 -2.30
N THR A 314 4.44 -5.99 -3.21
CA THR A 314 5.67 -5.26 -2.98
C THR A 314 5.19 -3.81 -2.99
N ILE A 315 5.14 -3.19 -1.80
CA ILE A 315 4.67 -1.81 -1.67
C ILE A 315 5.86 -0.87 -1.60
N TYR A 316 5.90 0.12 -2.48
CA TYR A 316 7.01 1.07 -2.48
C TYR A 316 6.78 2.28 -1.57
N VAL A 317 7.72 2.49 -0.65
CA VAL A 317 7.65 3.61 0.29
C VAL A 317 9.00 4.28 0.10
N ASP A 318 9.09 5.09 -0.93
CA ASP A 318 10.34 5.75 -1.32
C ASP A 318 10.10 7.16 -1.87
N ASN A 319 9.04 7.82 -1.41
CA ASN A 319 8.72 9.17 -1.90
C ASN A 319 8.52 9.16 -3.42
N GLY A 320 8.24 7.97 -3.96
CA GLY A 320 7.98 7.81 -5.38
C GLY A 320 9.17 7.78 -6.33
N LEU A 321 10.39 7.77 -5.81
CA LEU A 321 11.57 7.77 -6.68
C LEU A 321 11.52 6.69 -7.78
N ASN A 322 10.97 5.53 -7.44
CA ASN A 322 10.91 4.41 -8.36
C ASN A 322 10.15 4.65 -9.67
N ILE A 323 9.30 5.67 -9.72
CA ILE A 323 8.54 5.93 -10.94
C ILE A 323 9.32 6.75 -11.97
N MET A 324 10.43 7.32 -11.53
CA MET A 324 11.27 8.15 -12.40
C MET A 324 12.14 7.35 -13.36
N PHE A 325 12.32 7.86 -14.57
CA PHE A 325 13.17 7.23 -15.55
C PHE A 325 14.34 8.18 -15.80
N LEU A 326 14.01 9.37 -16.30
CA LEU A 326 15.02 10.39 -16.58
C LEU A 326 14.90 11.54 -15.59
N PRO A 327 16.01 11.88 -14.92
CA PRO A 327 16.02 12.98 -13.96
C PRO A 327 16.03 14.33 -14.68
N ASP A 328 15.78 15.40 -13.93
CA ASP A 328 15.78 16.75 -14.48
C ASP A 328 17.21 17.21 -14.78
N ASP A 329 18.09 17.01 -13.81
CA ASP A 329 19.51 17.39 -13.94
C ASP A 329 20.25 16.22 -14.59
N GLU B 1 -9.67 19.61 10.50
CA GLU B 1 -10.90 19.39 9.69
C GLU B 1 -10.60 18.82 8.30
N ASP B 2 -10.65 17.50 8.17
CA ASP B 2 -10.40 16.85 6.89
C ASP B 2 -11.66 16.86 6.02
N ILE B 3 -11.53 17.36 4.80
CA ILE B 3 -12.65 17.41 3.87
C ILE B 3 -12.29 16.61 2.63
N CYS B 4 -13.15 15.68 2.24
CA CYS B 4 -12.88 14.87 1.06
C CYS B 4 -14.01 14.95 0.06
N PHE B 5 -13.64 15.17 -1.20
CA PHE B 5 -14.62 15.22 -2.27
C PHE B 5 -14.54 13.89 -3.01
N ILE B 6 -15.65 13.15 -3.04
CA ILE B 6 -15.69 11.89 -3.73
C ILE B 6 -16.49 12.07 -5.01
N ALA B 7 -15.81 11.93 -6.15
CA ALA B 7 -16.43 12.09 -7.46
C ALA B 7 -16.76 10.72 -8.06
N GLY B 8 -18.04 10.37 -8.05
CA GLY B 8 -18.44 9.09 -8.61
C GLY B 8 -19.26 8.25 -7.65
N ILE B 9 -20.49 8.67 -7.38
CA ILE B 9 -21.37 7.92 -6.51
C ILE B 9 -22.80 8.06 -7.02
N GLY B 10 -23.43 6.94 -7.31
CA GLY B 10 -24.79 6.97 -7.80
C GLY B 10 -25.70 6.12 -6.94
N ASP B 11 -25.11 5.44 -5.96
CA ASP B 11 -25.85 4.57 -5.05
C ASP B 11 -24.92 4.09 -3.95
N THR B 12 -25.34 3.07 -3.21
CA THR B 12 -24.53 2.54 -2.12
C THR B 12 -23.87 1.20 -2.45
N ASN B 13 -23.96 0.77 -3.70
CA ASN B 13 -23.38 -0.50 -4.11
C ASN B 13 -22.00 -0.40 -4.75
N GLY B 14 -21.48 0.81 -4.85
CA GLY B 14 -20.17 1.00 -5.48
C GLY B 14 -19.02 1.17 -4.50
N TYR B 15 -17.82 1.40 -5.05
CA TYR B 15 -16.65 1.59 -4.23
C TYR B 15 -16.65 2.97 -3.59
N GLY B 16 -17.28 3.92 -4.28
CA GLY B 16 -17.36 5.27 -3.76
C GLY B 16 -18.04 5.29 -2.40
N TRP B 17 -19.03 4.42 -2.22
CA TRP B 17 -19.75 4.36 -0.95
C TRP B 17 -18.90 3.70 0.14
N GLY B 18 -18.25 2.60 -0.19
CA GLY B 18 -17.42 1.93 0.78
C GLY B 18 -16.29 2.84 1.25
N ILE B 19 -15.80 3.68 0.33
CA ILE B 19 -14.74 4.61 0.66
C ILE B 19 -15.29 5.66 1.61
N ALA B 20 -16.48 6.18 1.28
CA ALA B 20 -17.11 7.20 2.12
C ALA B 20 -17.32 6.68 3.54
N LYS B 21 -17.84 5.47 3.64
CA LYS B 21 -18.11 4.84 4.92
C LYS B 21 -16.85 4.75 5.78
N GLU B 22 -15.77 4.24 5.21
CA GLU B 22 -14.50 4.09 5.93
C GLU B 22 -13.88 5.43 6.34
N LEU B 23 -14.02 6.44 5.49
CA LEU B 23 -13.47 7.76 5.81
C LEU B 23 -14.20 8.36 7.00
N SER B 24 -15.49 8.04 7.13
CA SER B 24 -16.28 8.56 8.22
C SER B 24 -15.84 8.02 9.57
N LYS B 25 -15.21 6.84 9.57
CA LYS B 25 -14.73 6.27 10.83
C LYS B 25 -13.63 7.17 11.38
N ARG B 26 -12.92 7.86 10.49
CA ARG B 26 -11.84 8.76 10.88
C ARG B 26 -12.33 10.19 11.00
N ASN B 27 -13.66 10.35 11.06
CA ASN B 27 -14.27 11.66 11.19
C ASN B 27 -13.94 12.68 10.10
N VAL B 28 -13.80 12.24 8.85
CA VAL B 28 -13.52 13.21 7.80
C VAL B 28 -14.84 13.59 7.15
N LYS B 29 -15.01 14.88 6.84
CA LYS B 29 -16.23 15.36 6.20
C LYS B 29 -16.26 14.92 4.75
N ILE B 30 -17.41 14.40 4.33
CA ILE B 30 -17.61 13.89 2.98
C ILE B 30 -18.52 14.74 2.08
N ILE B 31 -18.02 15.06 0.88
CA ILE B 31 -18.81 15.81 -0.10
C ILE B 31 -19.01 14.90 -1.32
N PHE B 32 -20.25 14.56 -1.63
CA PHE B 32 -20.53 13.69 -2.78
C PHE B 32 -20.74 14.43 -4.10
N GLY B 33 -20.10 13.91 -5.15
CA GLY B 33 -20.24 14.48 -6.48
C GLY B 33 -21.10 13.49 -7.26
N ILE B 34 -22.36 13.85 -7.51
CA ILE B 34 -23.31 12.97 -8.19
C ILE B 34 -23.56 13.26 -9.67
N TRP B 35 -23.43 12.24 -10.51
CA TRP B 35 -23.67 12.38 -11.95
C TRP B 35 -25.14 12.82 -12.10
N PRO B 36 -25.39 13.94 -12.81
CA PRO B 36 -26.73 14.49 -13.04
C PRO B 36 -27.86 13.52 -13.40
N PRO B 37 -27.61 12.58 -14.32
CA PRO B 37 -28.67 11.64 -14.69
C PRO B 37 -29.29 10.91 -13.48
N VAL B 38 -28.47 10.65 -12.46
CA VAL B 38 -28.96 9.94 -11.27
C VAL B 38 -29.04 10.78 -10.00
N TYR B 39 -28.86 12.09 -10.13
CA TYR B 39 -28.92 13.00 -8.99
C TYR B 39 -30.26 12.98 -8.25
N ASN B 40 -31.35 13.19 -9.00
CA ASN B 40 -32.69 13.21 -8.44
C ASN B 40 -33.06 11.89 -7.77
N ILE B 41 -32.77 10.77 -8.42
CA ILE B 41 -33.09 9.48 -7.84
C ILE B 41 -32.33 9.29 -6.52
N PHE B 42 -31.03 9.61 -6.54
CA PHE B 42 -30.21 9.46 -5.35
C PHE B 42 -30.72 10.33 -4.20
N MET B 43 -31.03 11.59 -4.49
CA MET B 43 -31.54 12.48 -3.44
C MET B 43 -32.88 11.99 -2.92
N LYS B 44 -33.69 11.43 -3.82
CA LYS B 44 -35.00 10.91 -3.45
C LYS B 44 -34.85 9.80 -2.42
N ASN B 45 -34.06 8.78 -2.75
CA ASN B 45 -33.83 7.65 -1.85
C ASN B 45 -33.23 8.11 -0.52
N TYR B 46 -32.21 8.95 -0.59
CA TYR B 46 -31.56 9.46 0.60
C TYR B 46 -32.59 10.15 1.51
N LYS B 47 -33.41 11.00 0.90
CA LYS B 47 -34.42 11.75 1.62
C LYS B 47 -35.49 10.85 2.23
N ASN B 48 -35.89 9.80 1.52
CA ASN B 48 -36.89 8.87 2.03
C ASN B 48 -36.26 7.80 2.91
N GLY B 49 -35.06 8.07 3.40
CA GLY B 49 -34.35 7.13 4.27
C GLY B 49 -34.08 5.74 3.73
N LYS B 50 -33.80 5.63 2.44
CA LYS B 50 -33.52 4.32 1.87
C LYS B 50 -32.04 3.96 1.98
N PHE B 51 -31.26 4.83 2.62
CA PHE B 51 -29.84 4.59 2.82
C PHE B 51 -29.46 4.65 4.29
N ASP B 52 -30.45 4.92 5.15
CA ASP B 52 -30.21 5.01 6.59
C ASP B 52 -29.49 3.83 7.19
N ASN B 53 -29.75 2.63 6.66
CA ASN B 53 -29.09 1.44 7.16
C ASN B 53 -27.65 1.37 6.68
N ASP B 54 -27.44 1.72 5.41
CA ASP B 54 -26.11 1.72 4.83
C ASP B 54 -25.23 2.81 5.42
N MET B 55 -25.83 3.79 6.08
CA MET B 55 -25.07 4.87 6.67
C MET B 55 -24.63 4.57 8.10
N ILE B 56 -24.97 3.39 8.57
CA ILE B 56 -24.60 2.97 9.92
C ILE B 56 -23.15 2.50 9.91
N ILE B 57 -22.31 3.18 10.68
CA ILE B 57 -20.90 2.84 10.77
C ILE B 57 -20.63 2.03 12.03
N ASP B 58 -20.42 0.72 11.86
CA ASP B 58 -20.13 -0.21 12.95
C ASP B 58 -20.34 0.36 14.35
N LYS B 59 -19.39 1.18 14.79
CA LYS B 59 -19.43 1.80 16.11
C LYS B 59 -20.63 2.72 16.30
N ASP B 60 -21.78 2.30 15.76
CA ASP B 60 -23.02 3.05 15.87
C ASP B 60 -22.91 4.46 15.28
N LYS B 61 -21.78 4.77 14.66
CA LYS B 61 -21.60 6.08 14.06
C LYS B 61 -22.58 6.24 12.89
N LYS B 62 -22.89 7.50 12.58
CA LYS B 62 -23.81 7.81 11.49
C LYS B 62 -23.01 8.54 10.41
N MET B 63 -22.82 7.89 9.26
CA MET B 63 -22.06 8.47 8.15
C MET B 63 -22.31 9.98 8.06
N ASN B 64 -21.23 10.76 8.11
CA ASN B 64 -21.32 12.21 8.07
C ASN B 64 -21.18 12.84 6.68
N ILE B 65 -22.29 12.99 5.97
CA ILE B 65 -22.28 13.57 4.64
C ILE B 65 -22.43 15.10 4.71
N LEU B 66 -21.41 15.81 4.29
CA LEU B 66 -21.41 17.27 4.33
C LEU B 66 -22.28 17.90 3.26
N ASP B 67 -22.07 17.53 2.00
CA ASP B 67 -22.84 18.09 0.90
C ASP B 67 -22.98 17.06 -0.23
N MET B 68 -23.97 17.27 -1.07
CA MET B 68 -24.24 16.40 -2.21
C MET B 68 -24.47 17.30 -3.41
N LEU B 69 -23.55 17.28 -4.36
CA LEU B 69 -23.64 18.14 -5.52
C LEU B 69 -23.68 17.44 -6.88
N PRO B 70 -24.42 18.02 -7.83
CA PRO B 70 -24.51 17.43 -9.17
C PRO B 70 -23.13 17.64 -9.81
N PHE B 71 -22.61 16.62 -10.48
CA PHE B 71 -21.29 16.69 -11.05
C PHE B 71 -21.13 15.81 -12.29
N ASP B 72 -20.59 16.38 -13.36
CA ASP B 72 -20.36 15.63 -14.59
C ASP B 72 -18.92 15.81 -15.04
N ALA B 73 -18.15 14.73 -14.93
CA ALA B 73 -16.74 14.71 -15.27
C ALA B 73 -16.40 14.91 -16.75
N SER B 74 -17.40 14.94 -17.63
CA SER B 74 -17.09 15.14 -19.04
C SER B 74 -16.97 16.62 -19.42
N PHE B 75 -17.34 17.50 -18.50
CA PHE B 75 -17.25 18.94 -18.76
C PHE B 75 -16.23 19.64 -17.86
N ASP B 76 -15.28 20.31 -18.49
CA ASP B 76 -14.25 21.02 -17.76
C ASP B 76 -14.74 22.37 -17.24
N THR B 77 -15.35 23.15 -18.13
CA THR B 77 -15.86 24.46 -17.74
C THR B 77 -17.26 24.67 -18.30
N ALA B 78 -17.91 25.74 -17.84
CA ALA B 78 -19.26 26.07 -18.24
C ALA B 78 -19.48 26.09 -19.75
N ASN B 79 -18.58 26.67 -20.52
CA ASN B 79 -18.82 26.69 -21.96
C ASN B 79 -18.40 25.43 -22.69
N ASP B 80 -18.23 24.33 -21.96
CA ASP B 80 -17.88 23.05 -22.59
C ASP B 80 -19.18 22.27 -22.79
N ILE B 81 -20.17 22.51 -21.94
CA ILE B 81 -21.42 21.80 -22.05
C ILE B 81 -22.17 22.24 -23.30
N ASP B 82 -22.59 21.25 -24.09
CA ASP B 82 -23.32 21.47 -25.33
C ASP B 82 -24.78 21.83 -25.10
N GLU B 83 -25.38 22.44 -26.11
CA GLU B 83 -26.78 22.85 -26.07
C GLU B 83 -27.71 21.70 -25.70
N GLU B 84 -27.49 20.54 -26.28
CA GLU B 84 -28.34 19.39 -26.00
C GLU B 84 -28.37 19.00 -24.53
N THR B 85 -27.22 18.68 -23.95
CA THR B 85 -27.22 18.28 -22.54
C THR B 85 -27.68 19.44 -21.69
N LYS B 86 -27.45 20.66 -22.15
CA LYS B 86 -27.83 21.85 -21.40
C LYS B 86 -29.35 21.96 -21.21
N ASN B 87 -30.12 21.57 -22.23
CA ASN B 87 -31.58 21.63 -22.14
C ASN B 87 -32.21 20.27 -21.85
N ASN B 88 -31.37 19.27 -21.58
CA ASN B 88 -31.84 17.94 -21.28
C ASN B 88 -32.68 17.91 -20.01
N LYS B 89 -33.73 17.08 -20.06
CA LYS B 89 -34.66 16.88 -18.96
C LYS B 89 -33.99 16.74 -17.59
N ARG B 90 -32.90 15.97 -17.55
CA ARG B 90 -32.19 15.72 -16.30
C ARG B 90 -31.22 16.82 -15.85
N TYR B 91 -30.85 17.71 -16.76
CA TYR B 91 -29.89 18.78 -16.45
C TYR B 91 -30.47 20.17 -16.25
N ASN B 92 -31.63 20.44 -16.84
CA ASN B 92 -32.29 21.75 -16.76
C ASN B 92 -32.29 22.43 -15.40
N MET B 93 -32.88 21.78 -14.40
CA MET B 93 -33.00 22.32 -13.05
C MET B 93 -31.71 22.31 -12.23
N LEU B 94 -30.57 22.11 -12.88
CA LEU B 94 -29.29 22.06 -12.17
C LEU B 94 -28.26 23.01 -12.75
N GLN B 95 -27.25 23.34 -11.95
CA GLN B 95 -26.18 24.23 -12.39
C GLN B 95 -24.89 24.02 -11.62
N ASN B 96 -23.80 24.59 -12.13
CA ASN B 96 -22.48 24.46 -11.51
C ASN B 96 -22.07 23.02 -11.32
N TYR B 97 -22.22 22.22 -12.38
CA TYR B 97 -21.87 20.81 -12.30
C TYR B 97 -20.64 20.42 -13.11
N THR B 98 -19.94 21.41 -13.68
CA THR B 98 -18.74 21.11 -14.45
C THR B 98 -17.59 21.03 -13.45
N ILE B 99 -16.47 20.44 -13.87
CA ILE B 99 -15.32 20.29 -12.99
C ILE B 99 -14.88 21.63 -12.38
N GLU B 100 -14.77 22.66 -13.21
CA GLU B 100 -14.36 23.96 -12.70
C GLU B 100 -15.39 24.56 -11.74
N ASP B 101 -16.68 24.38 -12.05
CA ASP B 101 -17.73 24.94 -11.21
C ASP B 101 -17.86 24.30 -9.84
N VAL B 102 -17.69 22.99 -9.76
CA VAL B 102 -17.81 22.33 -8.45
C VAL B 102 -16.63 22.72 -7.56
N ALA B 103 -15.46 22.90 -8.16
CA ALA B 103 -14.27 23.28 -7.40
C ALA B 103 -14.49 24.67 -6.80
N ASN B 104 -14.89 25.62 -7.64
CA ASN B 104 -15.15 26.98 -7.17
C ASN B 104 -16.27 26.96 -6.13
N LEU B 105 -17.24 26.10 -6.35
CA LEU B 105 -18.38 25.96 -5.44
C LEU B 105 -17.95 25.45 -4.06
N ILE B 106 -17.17 24.37 -4.04
CA ILE B 106 -16.70 23.79 -2.78
C ILE B 106 -15.82 24.79 -2.03
N HIS B 107 -14.92 25.44 -2.76
CA HIS B 107 -14.00 26.41 -2.18
C HIS B 107 -14.76 27.56 -1.53
N GLN B 108 -15.75 28.08 -2.25
CA GLN B 108 -16.56 29.19 -1.78
C GLN B 108 -17.39 28.87 -0.53
N LYS B 109 -17.83 27.62 -0.39
CA LYS B 109 -18.63 27.25 0.77
C LYS B 109 -17.90 26.60 1.92
N TYR B 110 -16.76 25.95 1.64
CA TYR B 110 -16.04 25.25 2.70
C TYR B 110 -14.55 25.56 2.77
N GLY B 111 -14.05 26.34 1.83
CA GLY B 111 -12.64 26.63 1.82
C GLY B 111 -11.86 25.47 1.21
N LYS B 112 -10.57 25.41 1.51
CA LYS B 112 -9.71 24.35 0.97
C LYS B 112 -10.00 22.98 1.56
N ILE B 113 -9.79 21.94 0.75
CA ILE B 113 -9.99 20.57 1.20
C ILE B 113 -8.64 19.86 1.12
N ASN B 114 -8.55 18.62 1.57
CA ASN B 114 -7.28 17.92 1.53
C ASN B 114 -7.35 16.48 1.04
N MET B 115 -8.52 16.06 0.56
CA MET B 115 -8.71 14.71 0.07
C MET B 115 -9.60 14.68 -1.14
N LEU B 116 -9.11 14.06 -2.21
CA LEU B 116 -9.84 13.95 -3.46
C LEU B 116 -9.89 12.50 -3.94
N VAL B 117 -11.10 12.01 -4.22
CA VAL B 117 -11.29 10.65 -4.69
C VAL B 117 -11.98 10.62 -6.05
N HIS B 118 -11.30 10.03 -7.04
CA HIS B 118 -11.84 9.89 -8.39
C HIS B 118 -12.37 8.46 -8.43
N SER B 119 -13.69 8.33 -8.39
CA SER B 119 -14.31 7.02 -8.36
C SER B 119 -15.32 6.82 -9.50
N LEU B 120 -14.90 7.13 -10.72
CA LEU B 120 -15.81 7.00 -11.84
C LEU B 120 -15.19 6.42 -13.10
N ALA B 121 -16.05 5.83 -13.91
CA ALA B 121 -15.67 5.22 -15.17
C ALA B 121 -16.94 5.22 -15.99
N ASN B 122 -16.78 5.22 -17.31
CA ASN B 122 -17.94 5.21 -18.19
C ASN B 122 -17.45 4.97 -19.61
N ALA B 123 -18.18 4.13 -20.34
CA ALA B 123 -17.83 3.79 -21.71
C ALA B 123 -19.08 3.31 -22.45
N LYS B 124 -19.49 4.04 -23.47
CA LYS B 124 -20.66 3.72 -24.27
C LYS B 124 -20.63 2.35 -24.95
N GLU B 125 -19.45 1.93 -25.39
CA GLU B 125 -19.30 0.65 -26.09
C GLU B 125 -18.60 -0.42 -25.27
N VAL B 126 -18.77 -0.37 -23.96
CA VAL B 126 -18.14 -1.34 -23.08
C VAL B 126 -18.55 -2.77 -23.46
N GLN B 127 -19.75 -2.92 -24.03
CA GLN B 127 -20.24 -4.24 -24.44
C GLN B 127 -19.51 -4.84 -25.63
N LYS B 128 -18.76 -4.02 -26.36
CA LYS B 128 -18.01 -4.50 -27.53
C LYS B 128 -16.57 -4.76 -27.15
N ASP B 129 -15.89 -5.64 -27.88
CA ASP B 129 -14.51 -5.90 -27.57
C ASP B 129 -13.66 -4.83 -28.24
N LEU B 130 -12.43 -4.68 -27.79
CA LEU B 130 -11.51 -3.67 -28.32
C LEU B 130 -11.54 -3.55 -29.86
N LEU B 131 -11.33 -4.67 -30.55
CA LEU B 131 -11.32 -4.69 -32.02
C LEU B 131 -12.54 -4.04 -32.67
N ASN B 132 -13.71 -4.20 -32.06
CA ASN B 132 -14.93 -3.64 -32.63
C ASN B 132 -15.40 -2.33 -32.03
N THR B 133 -14.56 -1.70 -31.22
CA THR B 133 -14.93 -0.43 -30.63
C THR B 133 -14.62 0.64 -31.65
N SER B 134 -15.53 1.60 -31.79
CA SER B 134 -15.35 2.69 -32.73
C SER B 134 -14.42 3.75 -32.15
N ARG B 135 -13.94 4.64 -33.00
CA ARG B 135 -13.06 5.71 -32.54
C ARG B 135 -13.84 6.55 -31.53
N LYS B 136 -15.07 6.88 -31.89
CA LYS B 136 -15.93 7.68 -31.03
C LYS B 136 -16.10 7.03 -29.65
N GLY B 137 -16.40 5.74 -29.61
CA GLY B 137 -16.58 5.06 -28.35
C GLY B 137 -15.30 4.96 -27.53
N TYR B 138 -14.18 4.77 -28.22
CA TYR B 138 -12.87 4.66 -27.59
C TYR B 138 -12.50 5.99 -26.93
N LEU B 139 -12.64 7.07 -27.68
CA LEU B 139 -12.30 8.40 -27.16
C LEU B 139 -13.26 8.82 -26.06
N ASP B 140 -14.49 8.29 -26.11
CA ASP B 140 -15.47 8.61 -25.09
C ASP B 140 -15.08 7.96 -23.77
N ALA B 141 -14.57 6.74 -23.85
CA ALA B 141 -14.15 6.02 -22.64
C ALA B 141 -12.94 6.68 -22.01
N LEU B 142 -12.01 7.16 -22.83
CA LEU B 142 -10.82 7.82 -22.33
C LEU B 142 -11.15 9.20 -21.77
N SER B 143 -12.04 9.91 -22.47
CA SER B 143 -12.45 11.24 -22.06
C SER B 143 -13.10 11.24 -20.68
N LYS B 144 -14.09 10.36 -20.50
CA LYS B 144 -14.81 10.25 -19.24
C LYS B 144 -14.06 9.54 -18.13
N SER B 145 -13.38 8.46 -18.47
CA SER B 145 -12.66 7.65 -17.48
C SER B 145 -11.21 8.00 -17.17
N SER B 146 -10.51 8.64 -18.09
CA SER B 146 -9.11 8.98 -17.85
C SER B 146 -8.83 10.47 -17.75
N TYR B 147 -9.19 11.22 -18.77
CA TYR B 147 -8.92 12.66 -18.76
C TYR B 147 -9.58 13.32 -17.56
N SER B 148 -10.73 12.81 -17.15
CA SER B 148 -11.44 13.37 -16.02
C SER B 148 -10.55 13.51 -14.79
N LEU B 149 -9.60 12.59 -14.63
CA LEU B 149 -8.68 12.62 -13.50
C LEU B 149 -7.72 13.79 -13.62
N ILE B 150 -7.13 13.96 -14.79
CA ILE B 150 -6.20 15.04 -15.03
C ILE B 150 -6.88 16.38 -14.80
N SER B 151 -8.06 16.53 -15.37
CA SER B 151 -8.84 17.76 -15.25
C SER B 151 -9.20 18.05 -13.79
N LEU B 152 -9.65 17.02 -13.08
CA LEU B 152 -10.00 17.17 -11.68
C LEU B 152 -8.81 17.74 -10.94
N CYS B 153 -7.62 17.22 -11.24
CA CYS B 153 -6.40 17.68 -10.60
C CYS B 153 -6.11 19.14 -10.93
N LYS B 154 -6.20 19.49 -12.21
CA LYS B 154 -5.92 20.85 -12.65
C LYS B 154 -6.73 21.93 -11.91
N TYR B 155 -8.02 21.69 -11.71
CA TYR B 155 -8.88 22.65 -11.03
C TYR B 155 -8.92 22.55 -9.52
N PHE B 156 -8.79 21.33 -8.99
CA PHE B 156 -8.84 21.16 -7.54
C PHE B 156 -7.53 21.47 -6.83
N VAL B 157 -6.43 21.41 -7.57
CA VAL B 157 -5.11 21.67 -6.98
C VAL B 157 -5.05 23.08 -6.35
N ASN B 158 -5.85 24.00 -6.89
CA ASN B 158 -5.88 25.37 -6.37
C ASN B 158 -6.66 25.50 -5.07
N ILE B 159 -7.50 24.53 -4.76
CA ILE B 159 -8.28 24.59 -3.52
C ILE B 159 -7.84 23.53 -2.54
N MET B 160 -6.66 22.96 -2.75
CA MET B 160 -6.14 21.94 -1.84
C MET B 160 -4.95 22.44 -1.05
N LYS B 161 -4.87 22.02 0.20
CA LYS B 161 -3.76 22.41 1.06
C LYS B 161 -2.54 21.59 0.69
N PRO B 162 -1.35 22.03 1.12
CA PRO B 162 -0.15 21.25 0.79
C PRO B 162 -0.27 19.93 1.54
N GLN B 163 0.41 18.90 1.04
CA GLN B 163 0.39 17.58 1.68
C GLN B 163 -0.96 16.88 1.59
N SER B 164 -1.84 17.30 0.70
CA SER B 164 -3.11 16.61 0.57
C SER B 164 -2.92 15.39 -0.33
N SER B 165 -3.91 14.50 -0.34
CA SER B 165 -3.81 13.27 -1.12
C SER B 165 -4.95 13.01 -2.10
N ILE B 166 -4.61 12.36 -3.21
CA ILE B 166 -5.57 12.04 -4.27
C ILE B 166 -5.50 10.55 -4.65
N ILE B 167 -6.65 9.91 -4.83
CA ILE B 167 -6.67 8.52 -5.25
C ILE B 167 -7.73 8.26 -6.30
N SER B 168 -7.51 7.24 -7.12
CA SER B 168 -8.47 6.85 -8.13
C SER B 168 -8.51 5.32 -8.11
N LEU B 169 -9.45 4.72 -8.83
CA LEU B 169 -9.59 3.27 -8.88
C LEU B 169 -9.26 2.73 -10.26
N THR B 170 -8.58 1.60 -10.31
CA THR B 170 -8.24 0.99 -11.59
C THR B 170 -8.47 -0.52 -11.51
N TYR B 171 -8.26 -1.21 -12.62
CA TYR B 171 -8.47 -2.66 -12.69
C TYR B 171 -7.34 -3.30 -13.48
N HIS B 172 -6.96 -4.52 -13.06
CA HIS B 172 -5.87 -5.28 -13.67
C HIS B 172 -5.95 -5.49 -15.19
N ALA B 173 -7.14 -5.27 -15.77
CA ALA B 173 -7.33 -5.47 -17.20
C ALA B 173 -6.39 -4.56 -18.01
N SER B 174 -5.81 -3.57 -17.33
CA SER B 174 -4.87 -2.66 -17.99
C SER B 174 -3.52 -3.35 -18.23
N GLN B 175 -3.13 -4.23 -17.31
CA GLN B 175 -1.85 -4.93 -17.40
C GLN B 175 -1.91 -6.32 -18.03
N LYS B 176 -3.04 -7.01 -17.85
CA LYS B 176 -3.24 -8.36 -18.38
C LYS B 176 -4.62 -8.40 -19.03
N VAL B 177 -4.79 -9.23 -20.06
CA VAL B 177 -6.08 -9.25 -20.73
C VAL B 177 -7.17 -10.07 -20.07
N VAL B 178 -8.34 -9.45 -19.95
CA VAL B 178 -9.51 -10.12 -19.42
C VAL B 178 -10.53 -9.91 -20.51
N PRO B 179 -10.94 -10.99 -21.18
CA PRO B 179 -11.94 -10.83 -22.25
C PRO B 179 -13.26 -10.35 -21.62
N GLY B 180 -13.91 -9.39 -22.26
CA GLY B 180 -15.16 -8.90 -21.72
C GLY B 180 -15.07 -7.47 -21.23
N TYR B 181 -13.88 -7.05 -20.83
CA TYR B 181 -13.67 -5.69 -20.35
C TYR B 181 -13.36 -4.86 -21.59
N GLY B 182 -14.39 -4.59 -22.39
CA GLY B 182 -14.18 -3.86 -23.63
C GLY B 182 -14.53 -2.39 -23.69
N GLY B 183 -14.79 -1.93 -24.91
CA GLY B 183 -15.14 -0.54 -25.15
C GLY B 183 -14.00 0.43 -24.92
N GLY B 184 -12.79 -0.11 -24.74
CA GLY B 184 -11.65 0.75 -24.49
C GLY B 184 -11.43 1.02 -23.01
N MET B 185 -12.17 0.32 -22.15
CA MET B 185 -12.01 0.49 -20.71
C MET B 185 -10.62 0.03 -20.25
N SER B 186 -10.13 -1.07 -20.83
CA SER B 186 -8.80 -1.55 -20.47
C SER B 186 -7.79 -0.46 -20.85
N SER B 187 -8.04 0.17 -22.00
CA SER B 187 -7.18 1.24 -22.50
C SER B 187 -7.21 2.40 -21.51
N ALA B 188 -8.41 2.79 -21.12
CA ALA B 188 -8.61 3.89 -20.17
C ALA B 188 -7.87 3.64 -18.85
N LYS B 189 -7.95 2.42 -18.34
CA LYS B 189 -7.28 2.08 -17.09
C LYS B 189 -5.76 2.14 -17.25
N ALA B 190 -5.27 1.75 -18.42
CA ALA B 190 -3.84 1.79 -18.68
C ALA B 190 -3.38 3.25 -18.69
N ALA B 191 -4.17 4.12 -19.32
CA ALA B 191 -3.83 5.53 -19.38
C ALA B 191 -3.83 6.14 -17.98
N LEU B 192 -4.91 5.90 -17.25
CA LEU B 192 -5.07 6.40 -15.87
C LEU B 192 -3.87 6.03 -15.00
N GLU B 193 -3.43 4.78 -15.10
CA GLU B 193 -2.29 4.31 -14.31
C GLU B 193 -1.00 5.00 -14.68
N SER B 194 -0.78 5.20 -15.99
CA SER B 194 0.41 5.88 -16.45
C SER B 194 0.33 7.36 -16.07
N ASP B 195 -0.87 7.94 -16.22
CA ASP B 195 -1.05 9.35 -15.88
C ASP B 195 -0.86 9.57 -14.38
N THR B 196 -1.21 8.58 -13.57
CA THR B 196 -1.05 8.71 -12.14
C THR B 196 0.42 8.94 -11.80
N ARG B 197 1.31 8.22 -12.50
CA ARG B 197 2.74 8.38 -12.27
C ARG B 197 3.22 9.77 -12.71
N VAL B 198 2.82 10.18 -13.90
CA VAL B 198 3.22 11.49 -14.43
C VAL B 198 2.71 12.63 -13.56
N LEU B 199 1.47 12.53 -13.09
CA LEU B 199 0.89 13.56 -12.24
C LEU B 199 1.57 13.58 -10.85
N ALA B 200 2.03 12.43 -10.39
CA ALA B 200 2.69 12.34 -9.09
C ALA B 200 3.94 13.22 -9.12
N TYR B 201 4.62 13.20 -10.25
CA TYR B 201 5.81 14.00 -10.42
C TYR B 201 5.46 15.50 -10.37
N HIS B 202 4.50 15.91 -11.19
CA HIS B 202 4.09 17.31 -11.23
C HIS B 202 3.46 17.77 -9.91
N LEU B 203 2.45 17.03 -9.45
CA LEU B 203 1.77 17.40 -8.21
C LEU B 203 2.72 17.39 -7.03
N GLY B 204 3.64 16.43 -7.04
CA GLY B 204 4.59 16.30 -5.96
C GLY B 204 5.63 17.41 -5.92
N ARG B 205 6.23 17.71 -7.07
CA ARG B 205 7.26 18.74 -7.13
C ARG B 205 6.75 20.16 -6.91
N ASN B 206 5.59 20.47 -7.48
CA ASN B 206 5.02 21.82 -7.40
C ASN B 206 4.07 22.11 -6.25
N TYR B 207 3.31 21.12 -5.81
CA TYR B 207 2.34 21.36 -4.75
C TYR B 207 2.53 20.50 -3.51
N ASN B 208 3.50 19.60 -3.58
CA ASN B 208 3.75 18.70 -2.45
C ASN B 208 2.46 17.93 -2.17
N ILE B 209 1.77 17.53 -3.23
CA ILE B 209 0.54 16.77 -3.14
C ILE B 209 0.75 15.36 -3.70
N ARG B 210 0.16 14.37 -3.04
CA ARG B 210 0.31 12.99 -3.47
C ARG B 210 -0.88 12.48 -4.27
N ILE B 211 -0.62 11.47 -5.10
CA ILE B 211 -1.65 10.84 -5.91
C ILE B 211 -1.24 9.39 -6.16
N ASN B 212 -2.16 8.47 -5.89
CA ASN B 212 -1.95 7.04 -6.09
C ASN B 212 -3.22 6.46 -6.66
N THR B 213 -3.15 5.20 -7.09
CA THR B 213 -4.33 4.56 -7.62
C THR B 213 -4.48 3.17 -7.03
N ILE B 214 -5.73 2.78 -6.77
CA ILE B 214 -6.02 1.48 -6.19
C ILE B 214 -6.57 0.56 -7.26
N SER B 215 -5.92 -0.59 -7.42
CA SER B 215 -6.37 -1.58 -8.39
C SER B 215 -7.22 -2.57 -7.60
N ALA B 216 -8.53 -2.37 -7.61
CA ALA B 216 -9.44 -3.23 -6.87
C ALA B 216 -9.82 -4.52 -7.56
N GLY B 217 -10.34 -5.46 -6.77
CA GLY B 217 -10.81 -6.72 -7.30
C GLY B 217 -12.24 -6.53 -7.76
N PRO B 218 -12.93 -7.60 -8.16
CA PRO B 218 -14.32 -7.51 -8.65
C PRO B 218 -15.35 -7.14 -7.58
N LEU B 219 -16.24 -6.21 -7.94
CA LEU B 219 -17.31 -5.79 -7.05
C LEU B 219 -18.56 -5.67 -7.91
N LYS B 220 -19.65 -6.28 -7.45
CA LYS B 220 -20.90 -6.25 -8.22
C LYS B 220 -21.59 -4.90 -8.08
N SER B 221 -21.10 -3.92 -8.83
CA SER B 221 -21.65 -2.57 -8.81
C SER B 221 -22.45 -2.35 -10.09
N ARG B 222 -23.03 -1.16 -10.21
CA ARG B 222 -23.81 -0.81 -11.39
C ARG B 222 -22.93 -0.79 -12.64
N ALA B 223 -21.82 -0.07 -12.56
CA ALA B 223 -20.91 0.02 -13.69
C ALA B 223 -20.43 -1.38 -14.11
N ALA B 224 -20.13 -2.21 -13.11
CA ALA B 224 -19.66 -3.57 -13.35
C ALA B 224 -20.69 -4.43 -14.10
N THR B 225 -21.95 -4.25 -13.75
CA THR B 225 -23.05 -4.99 -14.35
C THR B 225 -23.27 -4.62 -15.82
N ALA B 226 -22.91 -3.39 -16.16
CA ALA B 226 -23.08 -2.92 -17.54
C ALA B 226 -22.19 -3.72 -18.48
N ILE B 227 -21.11 -4.27 -17.94
CA ILE B 227 -20.17 -5.06 -18.73
C ILE B 227 -20.78 -6.41 -19.07
N ASN B 228 -21.97 -6.37 -19.65
CA ASN B 228 -22.67 -7.59 -20.05
C ASN B 228 -21.75 -8.44 -20.92
N LYS B 229 -21.35 -9.60 -20.40
CA LYS B 229 -20.47 -10.51 -21.13
C LYS B 229 -21.03 -11.94 -21.07
N TYR B 270 -23.27 -15.57 -17.81
CA TYR B 270 -23.99 -14.77 -16.76
C TYR B 270 -23.22 -13.51 -16.41
N THR B 271 -23.10 -12.60 -17.37
CA THR B 271 -22.37 -11.35 -17.20
C THR B 271 -20.95 -11.56 -16.70
N PHE B 272 -20.07 -10.69 -17.17
CA PHE B 272 -18.67 -10.70 -16.82
C PHE B 272 -18.43 -10.69 -15.30
N ILE B 273 -19.06 -9.76 -14.61
CA ILE B 273 -18.89 -9.59 -13.18
C ILE B 273 -19.10 -10.83 -12.30
N ASP B 274 -20.13 -11.62 -12.58
CA ASP B 274 -20.38 -12.83 -11.79
C ASP B 274 -19.24 -13.83 -11.95
N TYR B 275 -18.70 -13.89 -13.15
CA TYR B 275 -17.59 -14.78 -13.45
C TYR B 275 -16.35 -14.32 -12.67
N ALA B 276 -16.01 -13.05 -12.82
CA ALA B 276 -14.85 -12.49 -12.13
C ALA B 276 -14.93 -12.67 -10.61
N ILE B 277 -16.10 -12.42 -10.04
CA ILE B 277 -16.27 -12.59 -8.61
C ILE B 277 -16.09 -14.06 -8.20
N GLU B 278 -16.71 -14.95 -8.97
CA GLU B 278 -16.62 -16.38 -8.68
C GLU B 278 -15.18 -16.87 -8.83
N TYR B 279 -14.49 -16.36 -9.85
CA TYR B 279 -13.12 -16.76 -10.09
C TYR B 279 -12.18 -16.23 -9.00
N SER B 280 -12.44 -15.02 -8.51
CA SER B 280 -11.60 -14.42 -7.48
C SER B 280 -11.75 -15.14 -6.15
N GLU B 281 -12.98 -15.54 -5.84
CA GLU B 281 -13.24 -16.23 -4.58
C GLU B 281 -12.73 -17.67 -4.54
N LYS B 282 -12.48 -18.27 -5.71
CA LYS B 282 -12.00 -19.64 -5.74
C LYS B 282 -10.49 -19.77 -5.96
N TYR B 283 -9.85 -18.72 -6.49
CA TYR B 283 -8.43 -18.82 -6.78
C TYR B 283 -7.51 -17.83 -6.09
N ALA B 284 -8.06 -16.79 -5.47
CA ALA B 284 -7.22 -15.81 -4.82
C ALA B 284 -6.54 -16.44 -3.62
N PRO B 285 -5.34 -15.95 -3.26
CA PRO B 285 -4.62 -16.49 -2.11
C PRO B 285 -5.52 -16.44 -0.88
N LEU B 286 -6.29 -15.36 -0.75
CA LEU B 286 -7.21 -15.19 0.37
C LEU B 286 -8.64 -15.44 -0.12
N ARG B 287 -9.20 -16.61 0.20
CA ARG B 287 -10.56 -16.93 -0.22
C ARG B 287 -11.59 -16.32 0.73
N GLN B 288 -12.08 -15.13 0.37
CA GLN B 288 -13.06 -14.43 1.19
C GLN B 288 -13.73 -13.40 0.27
N LYS B 289 -14.94 -12.97 0.63
CA LYS B 289 -15.63 -12.00 -0.20
C LYS B 289 -14.97 -10.63 -0.08
N LEU B 290 -14.71 -10.01 -1.22
CA LEU B 290 -14.10 -8.69 -1.26
C LEU B 290 -15.18 -7.65 -1.06
N LEU B 291 -15.09 -6.90 0.02
CA LEU B 291 -16.09 -5.88 0.32
C LEU B 291 -15.62 -4.50 -0.13
N SER B 292 -16.57 -3.61 -0.39
CA SER B 292 -16.24 -2.26 -0.84
C SER B 292 -15.46 -1.55 0.26
N THR B 293 -15.77 -1.88 1.52
CA THR B 293 -15.08 -1.28 2.64
C THR B 293 -13.64 -1.76 2.78
N ASP B 294 -13.28 -2.84 2.09
CA ASP B 294 -11.89 -3.34 2.14
C ASP B 294 -11.05 -2.36 1.32
N ILE B 295 -11.63 -1.89 0.22
CA ILE B 295 -10.95 -0.92 -0.63
C ILE B 295 -11.02 0.39 0.14
N GLY B 296 -12.15 0.61 0.82
CA GLY B 296 -12.33 1.82 1.60
C GLY B 296 -11.26 2.06 2.65
N SER B 297 -10.98 1.05 3.48
CA SER B 297 -9.95 1.23 4.50
C SER B 297 -8.57 1.50 3.91
N VAL B 298 -8.29 0.92 2.74
CA VAL B 298 -7.00 1.16 2.08
C VAL B 298 -7.00 2.60 1.55
N ALA B 299 -8.12 3.01 0.96
CA ALA B 299 -8.25 4.36 0.42
C ALA B 299 -8.00 5.34 1.57
N SER B 300 -8.65 5.07 2.69
CA SER B 300 -8.53 5.90 3.89
C SER B 300 -7.05 6.07 4.29
N PHE B 301 -6.30 4.97 4.29
CA PHE B 301 -4.89 4.99 4.65
C PHE B 301 -4.06 5.86 3.69
N LEU B 302 -4.31 5.67 2.40
CA LEU B 302 -3.60 6.43 1.37
C LEU B 302 -3.94 7.93 1.38
N LEU B 303 -5.13 8.28 1.86
CA LEU B 303 -5.54 9.68 1.91
C LEU B 303 -5.05 10.37 3.17
N SER B 304 -4.64 9.60 4.17
CA SER B 304 -4.14 10.18 5.42
C SER B 304 -2.63 10.42 5.34
N ARG B 305 -2.10 11.11 6.34
CA ARG B 305 -0.68 11.42 6.40
C ARG B 305 0.21 10.22 6.71
N GLU B 306 -0.40 9.12 7.12
CA GLU B 306 0.35 7.90 7.44
C GLU B 306 1.10 7.37 6.22
N SER B 307 0.67 7.78 5.04
CA SER B 307 1.28 7.33 3.79
C SER B 307 2.06 8.43 3.06
N ARG B 308 2.51 9.43 3.81
CA ARG B 308 3.25 10.57 3.24
C ARG B 308 4.38 10.21 2.27
N ALA B 309 4.99 9.02 2.44
CA ALA B 309 6.08 8.62 1.57
C ALA B 309 5.70 7.80 0.34
N ILE B 310 4.40 7.62 0.10
CA ILE B 310 3.93 6.84 -1.04
C ILE B 310 3.22 7.72 -2.08
N THR B 311 3.63 7.62 -3.34
CA THR B 311 2.98 8.41 -4.38
C THR B 311 3.30 7.84 -5.76
N GLY B 312 2.36 8.02 -6.69
CA GLY B 312 2.55 7.53 -8.05
C GLY B 312 2.38 6.03 -8.18
N GLN B 313 1.93 5.39 -7.11
CA GLN B 313 1.77 3.94 -7.10
C GLN B 313 0.41 3.38 -7.44
N THR B 314 0.44 2.12 -7.88
CA THR B 314 -0.74 1.34 -8.19
C THR B 314 -0.73 0.29 -7.08
N ILE B 315 -1.66 0.41 -6.16
CA ILE B 315 -1.76 -0.51 -5.03
C ILE B 315 -2.89 -1.51 -5.27
N TYR B 316 -2.57 -2.80 -5.23
CA TYR B 316 -3.57 -3.84 -5.43
C TYR B 316 -4.29 -4.26 -4.16
N VAL B 317 -5.61 -4.19 -4.19
CA VAL B 317 -6.46 -4.58 -3.05
C VAL B 317 -7.43 -5.55 -3.72
N ASP B 318 -6.95 -6.78 -3.91
CA ASP B 318 -7.73 -7.80 -4.61
C ASP B 318 -7.55 -9.19 -4.03
N ASN B 319 -7.35 -9.27 -2.71
CA ASN B 319 -7.14 -10.55 -2.04
C ASN B 319 -5.95 -11.32 -2.62
N GLY B 320 -5.10 -10.60 -3.36
CA GLY B 320 -3.92 -11.21 -3.94
C GLY B 320 -4.05 -11.91 -5.29
N LEU B 321 -5.24 -11.87 -5.88
CA LEU B 321 -5.48 -12.53 -7.17
C LEU B 321 -4.44 -12.22 -8.27
N ASN B 322 -3.99 -10.98 -8.36
CA ASN B 322 -3.04 -10.59 -9.40
C ASN B 322 -1.69 -11.34 -9.42
N ILE B 323 -1.31 -11.98 -8.31
CA ILE B 323 -0.04 -12.70 -8.26
C ILE B 323 -0.13 -14.12 -8.83
N MET B 324 -1.35 -14.59 -9.08
CA MET B 324 -1.52 -15.93 -9.62
C MET B 324 -1.33 -16.01 -11.13
N PHE B 325 -0.76 -17.10 -11.60
CA PHE B 325 -0.56 -17.32 -13.04
C PHE B 325 -1.41 -18.50 -13.48
N LEU B 326 -1.18 -19.66 -12.88
CA LEU B 326 -1.94 -20.86 -13.20
C LEU B 326 -2.85 -21.24 -12.05
N PRO B 327 -4.16 -21.35 -12.31
CA PRO B 327 -5.10 -21.73 -11.24
C PRO B 327 -4.85 -23.16 -10.76
N ASP B 328 -5.43 -23.50 -9.62
CA ASP B 328 -5.27 -24.83 -9.04
C ASP B 328 -6.11 -25.86 -9.79
N ASP B 329 -7.27 -26.18 -9.23
CA ASP B 329 -8.18 -27.14 -9.84
C ASP B 329 -8.72 -26.58 -11.15
PA NAI C . 20.08 -2.42 10.03
O1A NAI C . 19.56 -1.63 11.21
O2A NAI C . 21.57 -2.54 9.86
O5B NAI C . 19.37 -3.89 10.20
C5B NAI C . 19.82 -5.18 9.72
C4B NAI C . 19.95 -6.13 10.87
O4B NAI C . 20.19 -7.53 10.49
C3B NAI C . 21.12 -5.75 11.80
O3B NAI C . 20.50 -5.13 12.96
C2B NAI C . 21.85 -7.06 12.11
O2B NAI C . 22.16 -7.14 13.48
C1B NAI C . 20.91 -8.16 11.57
N9A NAI C . 21.61 -9.36 11.01
C8A NAI C . 22.61 -9.75 10.15
N7A NAI C . 22.81 -11.06 10.04
C5A NAI C . 21.86 -11.60 10.89
C6A NAI C . 21.55 -12.92 11.25
N6A NAI C . 22.19 -13.97 10.77
N1A NAI C . 20.55 -13.13 12.13
C2A NAI C . 19.85 -12.07 12.59
N3A NAI C . 20.09 -10.77 12.41
C4A NAI C . 21.10 -10.57 11.50
O3 NAI C . 19.79 -1.98 8.61
PN NAI C . 18.56 -1.60 7.86
O1N NAI C . 17.54 -0.86 8.69
O2N NAI C . 19.05 -0.98 6.61
O5D NAI C . 18.09 -3.01 7.26
C5D NAI C . 16.87 -3.69 7.59
C4D NAI C . 16.22 -4.18 6.29
O4D NAI C . 15.80 -3.02 5.46
C3D NAI C . 17.20 -5.01 5.46
O3D NAI C . 16.52 -6.17 5.10
C2D NAI C . 17.50 -4.11 4.31
O2D NAI C . 17.85 -4.84 3.16
C1D NAI C . 16.21 -3.37 4.13
N1N NAI C . 16.31 -2.17 3.28
C2N NAI C . 17.24 -1.15 3.65
C3N NAI C . 17.54 0.03 2.98
C7N NAI C . 18.49 1.09 3.40
O7N NAI C . 18.87 2.10 2.60
N7N NAI C . 19.05 1.17 4.59
C4N NAI C . 16.69 0.15 1.88
C5N NAI C . 15.66 -0.76 1.44
C6N NAI C . 15.48 -2.00 2.18
PA NAI D . -20.26 2.60 -9.69
O1A NAI D . -20.95 2.60 -8.37
O2A NAI D . -21.09 2.35 -10.92
O5B NAI D . -19.53 4.07 -9.75
C5B NAI D . -19.12 4.83 -10.90
C4B NAI D . -19.81 6.15 -10.90
O4B NAI D . -19.40 7.03 -11.99
C3B NAI D . -21.33 5.99 -11.05
O3B NAI D . -21.88 6.28 -9.74
C2B NAI D . -21.75 7.01 -12.12
O2B NAI D . -22.92 7.68 -11.72
C1B NAI D . -20.48 7.91 -12.30
N9A NAI D . -20.30 8.38 -13.70
C8A NAI D . -20.30 7.97 -15.01
N7A NAI D . -20.04 8.90 -15.91
C5A NAI D . -19.86 10.04 -15.15
C6A NAI D . -19.58 11.36 -15.49
N6A NAI D . -19.46 11.75 -16.75
N1A NAI D . -19.45 12.27 -14.50
C2A NAI D . -19.54 11.87 -13.21
N3A NAI D . -19.88 10.67 -12.74
C4A NAI D . -20.00 9.75 -13.77
O3 NAI D . -19.15 1.60 -10.01
PN NAI D . -17.88 1.18 -9.32
O1N NAI D . -17.93 1.30 -7.83
O2N NAI D . -17.54 -0.15 -9.91
O5D NAI D . -16.79 2.07 -10.07
C5D NAI D . -16.00 3.10 -9.48
C4D NAI D . -14.56 2.93 -10.00
O4D NAI D . -13.99 1.65 -9.55
C3D NAI D . -14.52 2.96 -11.54
O3D NAI D . -13.50 3.83 -11.90
C2D NAI D . -14.23 1.52 -11.86
O2D NAI D . -13.60 1.41 -13.10
C1D NAI D . -13.35 1.11 -10.71
N1N NAI D . -13.15 -0.34 -10.55
C2N NAI D . -14.30 -1.15 -10.40
C3N NAI D . -14.35 -2.54 -10.29
C7N NAI D . -15.54 -3.38 -10.11
O7N NAI D . -15.52 -4.72 -10.22
N7N NAI D . -16.74 -2.91 -9.81
C4N NAI D . -13.06 -3.04 -10.23
C5N NAI D . -11.82 -2.32 -10.28
C6N NAI D . -11.90 -0.89 -10.46
#